data_1RIV
#
_entry.id   1RIV
#
_cell.length_a   75.833
_cell.length_b   75.833
_cell.length_c   153.499
_cell.angle_alpha   90.00
_cell.angle_beta   90.00
_cell.angle_gamma   120.00
#
_symmetry.space_group_name_H-M   'P 31 2 1'
#
loop_
_entity.id
_entity.type
_entity.pdbx_description
1 polymer 'Fab M82G2, Light Chain'
2 polymer 'Fab M82G2, Heavy Chain'
3 non-polymer '3-(3-HYDROXY-BENZOYLOXY)-8-METHYL-8-AZA-BICYCLO[3.2.1]OCTANE-2-CARBOXYLIC ACID'
4 water water
#
loop_
_entity_poly.entity_id
_entity_poly.type
_entity_poly.pdbx_seq_one_letter_code
_entity_poly.pdbx_strand_id
1 'polypeptide(L)'
;DIVMTQAAPSVPVTPGESVSISCRSSKSLLHSNGYTYLHWFLQRPGQSPQLLIYRVSNLASGVPDRFSGSGSGTAFTLRF
SRVEAEDVGVYYCMQHLEYPFTFGSGTKLEIKRADAAPTVSIFPPSSEQLTSGGASVVCFLNNFYPQDITVSWKIDGAER
SSGVLNSWTDQDSSDSTYSMSSTLTLTKDEYERHSSYTCEATHKTSTSPITKSFNRGE
;
L
2 'polypeptide(L)'
;EVTLQESGGGLVQPGGSMKLSCAASGFTFSDAWVDWVRQSPGKGLEWVAEIRNKANNHATKYTESVKGRFTISRDDSKSS
VYLQMNSLRAEDTGIYYCTSVPQLGRGFAYWGQGTLVTVSAASTTPPSVYPLAPGSGGASTSGSMVTLGCLVKGYFPEPV
TVTWNSGALSSGVHTFPAVLQSDLYTLSSSVTVPSSTWPSQTVTCNVAHPASSTQVDKKIVPK
;
H
#
loop_
_chem_comp.id
_chem_comp.type
_chem_comp.name
_chem_comp.formula
OBE non-polymer '3-(3-HYDROXY-BENZOYLOXY)-8-METHYL-8-AZA-BICYCLO[3.2.1]OCTANE-2-CARBOXYLIC ACID' 'C16 H19 N O5'
#
# COMPACT_ATOMS: atom_id res chain seq x y z
N ASP A 1 16.50 1.03 24.24
CA ASP A 1 15.23 1.23 23.47
C ASP A 1 14.14 0.40 24.09
N ILE A 2 12.93 0.96 24.12
CA ILE A 2 11.79 0.22 24.66
C ILE A 2 11.25 -0.64 23.53
N VAL A 3 11.05 -1.91 23.81
CA VAL A 3 10.56 -2.86 22.82
C VAL A 3 9.06 -3.03 22.96
N MET A 4 8.35 -2.80 21.87
CA MET A 4 6.90 -2.93 21.86
C MET A 4 6.56 -4.24 21.20
N THR A 5 5.82 -5.08 21.91
CA THR A 5 5.46 -6.38 21.36
C THR A 5 3.99 -6.59 21.11
N GLN A 6 3.66 -6.98 19.88
CA GLN A 6 2.29 -7.30 19.50
C GLN A 6 2.39 -8.74 19.00
N ALA A 7 2.15 -9.68 19.92
CA ALA A 7 2.28 -11.11 19.64
C ALA A 7 1.60 -11.57 18.35
N ALA A 8 0.30 -11.35 18.24
CA ALA A 8 -0.45 -11.78 17.07
C ALA A 8 -0.18 -10.96 15.81
N PRO A 9 0.30 -11.63 14.74
CA PRO A 9 0.56 -10.89 13.50
C PRO A 9 -0.78 -10.53 12.87
N SER A 10 -1.81 -11.33 13.15
CA SER A 10 -3.15 -11.05 12.64
C SER A 10 -4.19 -11.74 13.49
N VAL A 11 -5.44 -11.29 13.37
CA VAL A 11 -6.51 -11.87 14.13
C VAL A 11 -7.77 -11.94 13.26
N PRO A 12 -8.31 -13.16 13.06
CA PRO A 12 -9.52 -13.35 12.24
C PRO A 12 -10.73 -13.08 13.12
N VAL A 13 -11.73 -12.42 12.55
CA VAL A 13 -12.90 -12.08 13.32
C VAL A 13 -14.08 -11.92 12.38
N THR A 14 -15.27 -12.23 12.87
CA THR A 14 -16.47 -12.11 12.05
C THR A 14 -17.19 -10.82 12.38
N PRO A 15 -17.66 -10.11 11.35
CA PRO A 15 -18.36 -8.84 11.58
C PRO A 15 -19.52 -9.03 12.57
N GLY A 16 -19.60 -8.14 13.55
CA GLY A 16 -20.66 -8.23 14.54
C GLY A 16 -20.16 -8.61 15.92
N GLU A 17 -19.07 -9.34 16.01
CA GLU A 17 -18.57 -9.70 17.33
C GLU A 17 -17.53 -8.73 17.85
N SER A 18 -17.21 -8.86 19.13
CA SER A 18 -16.20 -7.99 19.74
C SER A 18 -14.89 -8.76 19.76
N VAL A 19 -13.79 -8.03 19.73
CA VAL A 19 -12.50 -8.68 19.73
C VAL A 19 -11.52 -7.72 20.37
N SER A 20 -10.36 -8.24 20.76
CA SER A 20 -9.34 -7.40 21.36
C SER A 20 -7.98 -7.76 20.77
N ILE A 21 -7.07 -6.79 20.82
CA ILE A 21 -5.71 -6.90 20.31
C ILE A 21 -4.83 -6.42 21.47
N SER A 22 -3.75 -7.13 21.74
CA SER A 22 -2.90 -6.76 22.86
C SER A 22 -1.53 -6.26 22.44
N CYS A 23 -0.89 -5.55 23.35
CA CYS A 23 0.42 -4.98 23.13
C CYS A 23 1.14 -4.94 24.46
N ARG A 24 2.45 -5.22 24.44
CA ARG A 24 3.25 -5.19 25.64
C ARG A 24 4.49 -4.33 25.43
N SER A 25 4.93 -3.66 26.49
CA SER A 25 6.12 -2.82 26.43
C SER A 25 7.14 -3.44 27.35
N SER A 26 8.41 -3.36 26.99
CA SER A 26 9.49 -3.93 27.78
C SER A 26 9.75 -3.14 29.07
N LYS A 27 9.10 -1.99 29.19
CA LYS A 27 9.27 -1.13 30.35
C LYS A 27 7.96 -0.41 30.64
N SER A 28 7.75 0.01 31.88
CA SER A 28 6.53 0.74 32.25
C SER A 28 6.47 2.06 31.50
N LEU A 29 5.30 2.38 30.94
CA LEU A 29 5.13 3.61 30.17
C LEU A 29 4.52 4.73 31.00
N LEU A 30 4.53 4.57 32.32
CA LEU A 30 4.01 5.58 33.23
C LEU A 30 5.07 6.66 33.41
N HIS A 31 4.70 7.92 33.16
CA HIS A 31 5.62 9.06 33.29
C HIS A 31 5.50 9.69 34.67
N SER A 32 6.46 10.55 35.03
CA SER A 32 6.44 11.24 36.32
C SER A 32 5.21 12.11 36.45
N ASN A 33 4.80 12.74 35.35
CA ASN A 33 3.64 13.61 35.40
C ASN A 33 2.36 12.81 35.62
N GLY A 34 2.46 11.49 35.71
CA GLY A 34 1.28 10.67 35.94
C GLY A 34 0.49 10.17 34.73
N TYR A 35 0.93 10.49 33.52
CA TYR A 35 0.25 10.02 32.31
C TYR A 35 0.96 8.79 31.80
N THR A 36 0.22 7.90 31.13
CA THR A 36 0.82 6.70 30.58
C THR A 36 0.87 6.90 29.08
N TYR A 37 2.09 6.92 28.56
CA TYR A 37 2.32 7.19 27.15
C TYR A 37 2.30 6.06 26.15
N LEU A 38 1.10 5.53 25.90
CA LEU A 38 0.91 4.48 24.93
C LEU A 38 -0.23 4.93 24.02
N HIS A 39 -0.01 4.84 22.71
CA HIS A 39 -1.02 5.24 21.74
C HIS A 39 -1.29 4.09 20.78
N TRP A 40 -2.48 4.10 20.16
CA TRP A 40 -2.87 3.10 19.16
C TRP A 40 -3.14 3.78 17.81
N PHE A 41 -2.61 3.21 16.74
CA PHE A 41 -2.84 3.75 15.39
C PHE A 41 -3.42 2.70 14.48
N LEU A 42 -4.14 3.16 13.46
CA LEU A 42 -4.71 2.28 12.46
C LEU A 42 -4.09 2.67 11.12
N GLN A 43 -3.70 1.69 10.31
CA GLN A 43 -3.20 2.01 8.99
C GLN A 43 -3.94 1.13 7.99
N ARG A 44 -4.83 1.77 7.22
CA ARG A 44 -5.58 1.03 6.22
C ARG A 44 -4.66 0.92 5.02
N PRO A 45 -4.88 -0.09 4.16
CA PRO A 45 -4.07 -0.33 2.97
C PRO A 45 -3.94 0.92 2.11
N GLY A 46 -2.71 1.27 1.76
CA GLY A 46 -2.47 2.44 0.92
C GLY A 46 -2.62 3.82 1.55
N GLN A 47 -2.96 3.87 2.84
CA GLN A 47 -3.12 5.17 3.50
C GLN A 47 -2.07 5.41 4.58
N SER A 48 -2.02 6.64 5.08
CA SER A 48 -1.09 6.95 6.15
C SER A 48 -1.69 6.48 7.47
N PRO A 49 -0.85 6.29 8.49
CA PRO A 49 -1.39 5.85 9.79
C PRO A 49 -2.37 6.89 10.33
N GLN A 50 -3.29 6.48 11.21
CA GLN A 50 -4.19 7.44 11.82
C GLN A 50 -4.35 7.09 13.28
N LEU A 51 -4.36 8.12 14.13
CA LEU A 51 -4.48 7.93 15.55
C LEU A 51 -5.88 7.49 15.95
N LEU A 52 -5.97 6.45 16.76
CA LEU A 52 -7.27 5.96 17.24
C LEU A 52 -7.43 6.34 18.70
N ILE A 53 -6.43 5.97 19.49
CA ILE A 53 -6.46 6.19 20.93
C ILE A 53 -5.14 6.70 21.45
N TYR A 54 -5.18 7.80 22.21
CA TYR A 54 -3.94 8.32 22.78
C TYR A 54 -3.98 8.12 24.30
N ARG A 55 -2.81 7.94 24.88
CA ARG A 55 -2.67 7.71 26.32
C ARG A 55 -3.64 6.68 26.88
N VAL A 56 -3.49 5.46 26.37
CA VAL A 56 -4.25 4.28 26.78
C VAL A 56 -5.73 4.20 26.46
N SER A 57 -6.50 5.18 26.88
CA SER A 57 -7.94 5.10 26.70
C SER A 57 -8.70 6.30 26.15
N ASN A 58 -8.01 7.30 25.66
CA ASN A 58 -8.68 8.48 25.13
C ASN A 58 -8.91 8.33 23.63
N LEU A 59 -10.18 8.31 23.22
CA LEU A 59 -10.48 8.21 21.80
C LEU A 59 -10.20 9.57 21.15
N ALA A 60 -9.52 9.54 20.01
CA ALA A 60 -9.22 10.75 19.26
C ALA A 60 -10.50 11.20 18.60
N SER A 61 -10.55 12.46 18.22
CA SER A 61 -11.73 13.02 17.60
C SER A 61 -11.99 12.33 16.27
N GLY A 62 -13.26 12.06 15.99
CA GLY A 62 -13.59 11.40 14.74
C GLY A 62 -13.51 9.88 14.75
N VAL A 63 -12.96 9.29 15.82
CA VAL A 63 -12.84 7.83 15.90
C VAL A 63 -14.18 7.25 16.39
N PRO A 64 -14.66 6.16 15.76
CA PRO A 64 -15.92 5.49 16.12
C PRO A 64 -15.98 5.05 17.59
N ASP A 65 -17.18 5.11 18.17
CA ASP A 65 -17.42 4.73 19.55
C ASP A 65 -17.10 3.27 19.83
N ARG A 66 -17.09 2.43 18.79
CA ARG A 66 -16.83 1.02 19.02
C ARG A 66 -15.41 0.67 19.47
N PHE A 67 -14.52 1.65 19.47
CA PHE A 67 -13.14 1.44 19.91
C PHE A 67 -12.97 1.86 21.37
N SER A 68 -12.17 1.11 22.12
CA SER A 68 -11.87 1.47 23.49
C SER A 68 -10.48 0.91 23.79
N GLY A 69 -9.84 1.45 24.81
CA GLY A 69 -8.52 0.99 25.19
C GLY A 69 -8.40 0.86 26.69
N SER A 70 -7.55 -0.04 27.15
CA SER A 70 -7.32 -0.25 28.57
C SER A 70 -5.90 -0.72 28.79
N GLY A 71 -5.53 -0.84 30.05
CA GLY A 71 -4.21 -1.33 30.39
C GLY A 71 -3.49 -0.40 31.33
N SER A 72 -2.31 -0.81 31.76
CA SER A 72 -1.50 0.01 32.64
C SER A 72 -0.13 -0.64 32.72
N GLY A 73 0.86 0.17 33.02
CA GLY A 73 2.22 -0.32 33.15
C GLY A 73 2.84 -0.84 31.86
N THR A 74 2.71 -2.15 31.63
CA THR A 74 3.32 -2.75 30.45
C THR A 74 2.41 -3.62 29.58
N ALA A 75 1.12 -3.71 29.90
CA ALA A 75 0.19 -4.52 29.12
C ALA A 75 -1.01 -3.67 28.72
N PHE A 76 -1.32 -3.62 27.42
CA PHE A 76 -2.42 -2.81 26.95
C PHE A 76 -3.32 -3.56 25.99
N THR A 77 -4.58 -3.15 25.93
CA THR A 77 -5.52 -3.82 25.06
C THR A 77 -6.36 -2.84 24.30
N LEU A 78 -6.60 -3.18 23.03
CA LEU A 78 -7.46 -2.39 22.16
C LEU A 78 -8.66 -3.32 21.90
N ARG A 79 -9.87 -2.85 22.17
CA ARG A 79 -11.06 -3.67 21.96
C ARG A 79 -12.04 -3.03 20.99
N PHE A 80 -12.71 -3.88 20.21
CA PHE A 80 -13.75 -3.44 19.31
C PHE A 80 -15.02 -3.98 19.97
N SER A 81 -16.04 -3.15 20.18
CA SER A 81 -17.27 -3.66 20.79
C SER A 81 -18.03 -4.50 19.74
N ARG A 82 -18.00 -4.04 18.50
CA ARG A 82 -18.61 -4.72 17.35
C ARG A 82 -17.66 -4.48 16.19
N VAL A 83 -17.17 -5.55 15.58
CA VAL A 83 -16.26 -5.39 14.45
C VAL A 83 -17.04 -5.18 13.17
N GLU A 84 -16.52 -4.37 12.28
CA GLU A 84 -17.17 -4.10 11.00
C GLU A 84 -16.25 -4.51 9.87
N ALA A 85 -16.82 -4.88 8.73
CA ALA A 85 -16.03 -5.30 7.57
C ALA A 85 -15.00 -4.23 7.22
N GLU A 86 -15.40 -2.97 7.28
CA GLU A 86 -14.51 -1.86 6.97
C GLU A 86 -13.35 -1.67 7.96
N ASP A 87 -13.27 -2.50 9.00
CA ASP A 87 -12.18 -2.34 9.96
C ASP A 87 -10.91 -3.05 9.54
N VAL A 88 -10.88 -3.60 8.33
CA VAL A 88 -9.68 -4.29 7.86
C VAL A 88 -8.50 -3.32 7.86
N GLY A 89 -7.34 -3.80 8.26
CA GLY A 89 -6.17 -2.95 8.28
C GLY A 89 -5.21 -3.45 9.34
N VAL A 90 -4.13 -2.70 9.56
CA VAL A 90 -3.12 -3.06 10.53
C VAL A 90 -3.18 -2.11 11.71
N TYR A 91 -3.19 -2.68 12.91
CA TYR A 91 -3.27 -1.90 14.13
C TYR A 91 -1.95 -1.87 14.86
N TYR A 92 -1.44 -0.66 15.11
CA TYR A 92 -0.16 -0.51 15.80
C TYR A 92 -0.24 0.18 17.16
N CYS A 93 0.58 -0.26 18.11
CA CYS A 93 0.67 0.44 19.41
C CYS A 93 2.03 1.12 19.35
N MET A 94 2.19 2.19 20.12
CA MET A 94 3.43 2.94 20.12
C MET A 94 3.68 3.55 21.49
N GLN A 95 4.94 3.52 21.94
CA GLN A 95 5.24 4.16 23.22
C GLN A 95 5.77 5.56 22.88
N HIS A 96 5.26 6.56 23.59
CA HIS A 96 5.66 7.94 23.38
C HIS A 96 6.28 8.45 24.70
N LEU A 97 7.01 7.57 25.39
CA LEU A 97 7.62 7.92 26.66
C LEU A 97 9.06 8.40 26.53
N GLU A 98 9.91 7.60 25.88
CA GLU A 98 11.32 7.96 25.73
C GLU A 98 11.78 7.86 24.29
N TYR A 99 12.85 8.57 23.98
CA TYR A 99 13.44 8.53 22.64
C TYR A 99 14.42 7.35 22.59
N PRO A 100 14.47 6.62 21.47
CA PRO A 100 13.63 6.83 20.28
C PRO A 100 12.21 6.28 20.50
N PHE A 101 11.22 6.95 19.93
CA PHE A 101 9.84 6.51 20.04
C PHE A 101 9.77 5.19 19.26
N THR A 102 9.08 4.19 19.80
CA THR A 102 9.01 2.91 19.10
C THR A 102 7.61 2.35 18.92
N PHE A 103 7.45 1.63 17.81
CA PHE A 103 6.18 1.03 17.42
C PHE A 103 6.21 -0.51 17.52
N GLY A 104 5.06 -1.11 17.74
CA GLY A 104 4.97 -2.56 17.76
C GLY A 104 4.99 -2.97 16.29
N SER A 105 5.09 -4.27 16.00
CA SER A 105 5.14 -4.73 14.62
C SER A 105 3.78 -4.68 13.93
N GLY A 106 2.72 -4.52 14.71
CA GLY A 106 1.40 -4.43 14.14
C GLY A 106 0.62 -5.74 14.12
N THR A 107 -0.69 -5.62 14.17
CA THR A 107 -1.58 -6.76 14.11
C THR A 107 -2.60 -6.46 13.03
N LYS A 108 -2.65 -7.33 12.04
CA LYS A 108 -3.59 -7.17 10.95
C LYS A 108 -4.92 -7.81 11.33
N LEU A 109 -6.00 -7.09 11.09
CA LEU A 109 -7.32 -7.60 11.40
C LEU A 109 -7.83 -8.24 10.12
N GLU A 110 -8.23 -9.51 10.19
CA GLU A 110 -8.77 -10.20 9.03
C GLU A 110 -10.24 -10.49 9.27
N ILE A 111 -11.07 -10.15 8.28
CA ILE A 111 -12.51 -10.35 8.36
C ILE A 111 -12.88 -11.70 7.76
N LYS A 112 -13.55 -12.53 8.54
CA LYS A 112 -13.98 -13.82 8.05
C LYS A 112 -15.31 -13.70 7.34
N ARG A 113 -15.44 -14.34 6.19
CA ARG A 113 -16.68 -14.33 5.43
C ARG A 113 -16.86 -15.69 4.78
N ALA A 114 -17.94 -15.85 4.03
CA ALA A 114 -18.21 -17.11 3.34
C ALA A 114 -17.18 -17.36 2.24
N ASP A 115 -16.93 -18.63 1.93
CA ASP A 115 -15.99 -18.96 0.87
C ASP A 115 -16.44 -18.30 -0.42
N ALA A 116 -15.48 -17.90 -1.24
CA ALA A 116 -15.80 -17.27 -2.52
C ALA A 116 -14.80 -17.78 -3.53
N ALA A 117 -15.31 -18.37 -4.60
CA ALA A 117 -14.46 -18.90 -5.68
C ALA A 117 -13.89 -17.75 -6.50
N PRO A 118 -12.65 -17.90 -6.98
CA PRO A 118 -12.09 -16.80 -7.77
C PRO A 118 -12.64 -16.73 -9.18
N THR A 119 -12.82 -15.52 -9.69
CA THR A 119 -13.27 -15.35 -11.07
C THR A 119 -11.94 -15.24 -11.80
N VAL A 120 -11.67 -16.21 -12.68
CA VAL A 120 -10.40 -16.22 -13.41
C VAL A 120 -10.51 -15.75 -14.85
N SER A 121 -9.66 -14.79 -15.21
CA SER A 121 -9.62 -14.24 -16.56
C SER A 121 -8.20 -14.33 -17.08
N ILE A 122 -8.06 -14.83 -18.32
CA ILE A 122 -6.73 -14.92 -18.91
C ILE A 122 -6.70 -13.99 -20.13
N PHE A 123 -5.55 -13.37 -20.39
CA PHE A 123 -5.46 -12.44 -21.52
C PHE A 123 -4.23 -12.65 -22.40
N PRO A 124 -4.45 -12.90 -23.70
CA PRO A 124 -3.33 -13.10 -24.63
C PRO A 124 -2.65 -11.74 -24.77
N PRO A 125 -1.40 -11.72 -25.24
CA PRO A 125 -0.70 -10.44 -25.41
C PRO A 125 -1.47 -9.49 -26.31
N SER A 126 -1.45 -8.20 -26.01
CA SER A 126 -2.12 -7.24 -26.86
C SER A 126 -1.26 -7.14 -28.12
N SER A 127 -1.90 -6.95 -29.28
CA SER A 127 -1.15 -6.83 -30.53
C SER A 127 -0.13 -5.70 -30.46
N GLU A 128 -0.46 -4.67 -29.68
CA GLU A 128 0.43 -3.52 -29.51
C GLU A 128 1.74 -4.02 -28.90
N GLN A 129 1.64 -4.91 -27.92
CA GLN A 129 2.83 -5.42 -27.29
C GLN A 129 3.63 -6.35 -28.19
N LEU A 130 2.94 -7.13 -29.02
CA LEU A 130 3.63 -8.04 -29.92
C LEU A 130 4.47 -7.30 -30.94
N THR A 131 3.93 -6.22 -31.51
CA THR A 131 4.70 -5.45 -32.48
C THR A 131 5.94 -4.89 -31.80
N SER A 132 5.91 -4.82 -30.47
CA SER A 132 7.07 -4.34 -29.70
C SER A 132 8.02 -5.46 -29.28
N GLY A 133 7.74 -6.70 -29.67
CA GLY A 133 8.61 -7.80 -29.32
C GLY A 133 8.42 -8.44 -27.96
N GLY A 134 7.32 -8.09 -27.29
CA GLY A 134 7.05 -8.66 -25.99
C GLY A 134 5.77 -9.47 -26.03
N ALA A 135 5.62 -10.38 -25.08
CA ALA A 135 4.43 -11.20 -25.03
C ALA A 135 4.14 -11.57 -23.57
N SER A 136 3.47 -10.67 -22.87
CA SER A 136 3.12 -10.94 -21.48
C SER A 136 1.73 -11.51 -21.50
N VAL A 137 1.55 -12.67 -20.88
CA VAL A 137 0.25 -13.30 -20.79
C VAL A 137 -0.20 -13.01 -19.35
N VAL A 138 -1.37 -12.41 -19.22
CA VAL A 138 -1.88 -12.01 -17.91
C VAL A 138 -3.05 -12.84 -17.39
N CYS A 139 -3.00 -13.17 -16.11
CA CYS A 139 -4.09 -13.91 -15.53
C CYS A 139 -4.60 -13.22 -14.25
N PHE A 140 -5.89 -12.89 -14.20
CA PHE A 140 -6.48 -12.28 -13.00
C PHE A 140 -7.33 -13.30 -12.27
N LEU A 141 -7.08 -13.46 -10.97
CA LEU A 141 -7.87 -14.36 -10.13
C LEU A 141 -8.52 -13.40 -9.12
N ASN A 142 -9.76 -13.03 -9.37
CA ASN A 142 -10.43 -12.01 -8.55
C ASN A 142 -11.53 -12.38 -7.57
N ASN A 143 -11.61 -11.58 -6.51
CA ASN A 143 -12.63 -11.70 -5.46
C ASN A 143 -12.88 -13.08 -4.85
N PHE A 144 -11.84 -13.71 -4.32
CA PHE A 144 -11.97 -15.02 -3.71
C PHE A 144 -11.75 -14.96 -2.19
N TYR A 145 -12.07 -16.05 -1.52
CA TYR A 145 -11.87 -16.16 -0.08
C TYR A 145 -11.97 -17.65 0.28
N PRO A 146 -11.10 -18.15 1.17
CA PRO A 146 -10.02 -17.51 1.92
C PRO A 146 -8.87 -17.00 1.05
N GLN A 147 -7.90 -16.37 1.70
CA GLN A 147 -6.77 -15.74 1.02
C GLN A 147 -5.74 -16.61 0.30
N ASP A 148 -5.62 -17.87 0.67
CA ASP A 148 -4.61 -18.70 0.02
C ASP A 148 -5.06 -19.30 -1.28
N ILE A 149 -4.18 -19.21 -2.27
CA ILE A 149 -4.47 -19.71 -3.61
C ILE A 149 -3.14 -20.06 -4.28
N THR A 150 -3.15 -21.05 -5.16
CA THR A 150 -1.92 -21.41 -5.87
C THR A 150 -2.17 -21.31 -7.36
N VAL A 151 -1.24 -20.70 -8.07
CA VAL A 151 -1.38 -20.53 -9.50
C VAL A 151 -0.29 -21.28 -10.24
N SER A 152 -0.68 -21.97 -11.29
CA SER A 152 0.28 -22.71 -12.08
C SER A 152 0.14 -22.33 -13.55
N TRP A 153 1.27 -22.16 -14.22
CA TRP A 153 1.30 -21.83 -15.63
C TRP A 153 1.79 -23.03 -16.45
N LYS A 154 1.05 -23.35 -17.50
CA LYS A 154 1.43 -24.42 -18.40
C LYS A 154 1.51 -23.89 -19.82
N ILE A 155 2.59 -24.25 -20.50
CA ILE A 155 2.79 -23.85 -21.89
C ILE A 155 2.85 -25.14 -22.70
N ASP A 156 1.78 -25.40 -23.45
CA ASP A 156 1.67 -26.62 -24.25
C ASP A 156 1.71 -27.80 -23.30
N GLY A 157 1.05 -27.66 -22.16
CA GLY A 157 1.00 -28.73 -21.18
C GLY A 157 2.11 -28.78 -20.15
N ALA A 158 3.31 -28.30 -20.49
CA ALA A 158 4.42 -28.33 -19.54
C ALA A 158 4.45 -27.08 -18.67
N GLU A 159 4.71 -27.28 -17.38
CA GLU A 159 4.75 -26.18 -16.43
C GLU A 159 5.96 -25.24 -16.54
N ARG A 160 5.67 -23.95 -16.41
CA ARG A 160 6.68 -22.91 -16.48
C ARG A 160 6.72 -22.19 -15.12
N SER A 161 7.91 -21.93 -14.59
CA SER A 161 8.04 -21.26 -13.30
C SER A 161 8.82 -19.95 -13.35
N SER A 162 9.80 -19.89 -14.25
CA SER A 162 10.62 -18.70 -14.38
C SER A 162 9.87 -17.71 -15.27
N GLY A 163 9.98 -16.43 -14.94
CA GLY A 163 9.32 -15.41 -15.72
C GLY A 163 7.87 -15.19 -15.29
N VAL A 164 7.54 -15.60 -14.07
CA VAL A 164 6.20 -15.44 -13.55
C VAL A 164 6.21 -14.35 -12.49
N LEU A 165 5.35 -13.35 -12.69
CA LEU A 165 5.26 -12.22 -11.75
C LEU A 165 3.93 -12.27 -11.02
N ASN A 166 4.01 -12.36 -9.69
CA ASN A 166 2.82 -12.47 -8.85
C ASN A 166 2.62 -11.27 -7.94
N SER A 167 1.37 -10.82 -7.85
CA SER A 167 1.02 -9.69 -7.01
C SER A 167 -0.36 -9.94 -6.37
N TRP A 168 -0.49 -9.54 -5.11
CA TRP A 168 -1.72 -9.74 -4.33
C TRP A 168 -2.26 -8.43 -3.75
N THR A 169 -3.57 -8.28 -3.72
CA THR A 169 -4.19 -7.10 -3.11
C THR A 169 -4.44 -7.44 -1.65
N ASP A 170 -4.75 -6.43 -0.84
CA ASP A 170 -5.09 -6.64 0.57
C ASP A 170 -6.57 -6.99 0.61
N GLN A 171 -7.05 -7.41 1.77
CA GLN A 171 -8.45 -7.76 1.88
C GLN A 171 -9.32 -6.54 1.62
N ASP A 172 -10.29 -6.70 0.74
CA ASP A 172 -11.20 -5.62 0.38
C ASP A 172 -12.02 -5.18 1.57
N SER A 173 -12.09 -3.85 1.76
CA SER A 173 -12.83 -3.27 2.87
C SER A 173 -14.35 -3.35 2.76
N SER A 174 -14.87 -3.72 1.59
CA SER A 174 -16.32 -3.81 1.42
C SER A 174 -16.83 -5.24 1.33
N ASP A 175 -16.26 -6.07 0.46
CA ASP A 175 -16.73 -7.45 0.35
C ASP A 175 -15.82 -8.47 1.03
N SER A 176 -14.75 -8.00 1.64
CA SER A 176 -13.80 -8.86 2.37
C SER A 176 -13.12 -9.97 1.55
N THR A 177 -12.98 -9.77 0.24
CA THR A 177 -12.31 -10.77 -0.58
C THR A 177 -10.88 -10.36 -0.92
N TYR A 178 -10.19 -11.25 -1.61
CA TYR A 178 -8.82 -11.04 -2.01
C TYR A 178 -8.77 -11.25 -3.52
N SER A 179 -7.74 -10.70 -4.15
CA SER A 179 -7.54 -10.83 -5.58
C SER A 179 -6.04 -10.99 -5.83
N MET A 180 -5.72 -11.61 -6.95
CA MET A 180 -4.35 -11.83 -7.33
C MET A 180 -4.15 -11.66 -8.82
N SER A 181 -2.95 -11.20 -9.17
CA SER A 181 -2.57 -11.00 -10.55
C SER A 181 -1.33 -11.86 -10.79
N SER A 182 -1.31 -12.60 -11.90
CA SER A 182 -0.17 -13.42 -12.24
C SER A 182 0.19 -13.18 -13.72
N THR A 183 1.44 -12.79 -13.97
CA THR A 183 1.88 -12.50 -15.33
C THR A 183 3.03 -13.39 -15.79
N LEU A 184 2.84 -14.05 -16.93
CA LEU A 184 3.86 -14.89 -17.53
C LEU A 184 4.59 -14.00 -18.55
N THR A 185 5.86 -13.72 -18.31
CA THR A 185 6.62 -12.85 -19.20
C THR A 185 7.42 -13.65 -20.26
N LEU A 186 7.09 -13.42 -21.53
CA LEU A 186 7.75 -14.11 -22.64
C LEU A 186 8.22 -13.12 -23.69
N THR A 187 9.05 -13.58 -24.62
CA THR A 187 9.47 -12.73 -25.72
C THR A 187 8.50 -13.11 -26.84
N LYS A 188 8.35 -12.24 -27.82
CA LYS A 188 7.46 -12.54 -28.94
C LYS A 188 7.93 -13.87 -29.56
N ASP A 189 9.24 -14.04 -29.63
CA ASP A 189 9.82 -15.25 -30.19
C ASP A 189 9.38 -16.48 -29.41
N GLU A 190 9.60 -16.48 -28.10
CA GLU A 190 9.20 -17.61 -27.26
C GLU A 190 7.71 -17.86 -27.43
N TYR A 191 6.93 -16.79 -27.33
CA TYR A 191 5.49 -16.87 -27.43
C TYR A 191 5.00 -17.60 -28.67
N GLU A 192 5.69 -17.39 -29.79
CA GLU A 192 5.28 -18.02 -31.03
C GLU A 192 5.72 -19.47 -31.25
N ARG A 193 6.67 -19.95 -30.46
CA ARG A 193 7.13 -21.33 -30.59
C ARG A 193 6.07 -22.28 -30.03
N HIS A 194 5.13 -21.74 -29.27
CA HIS A 194 4.08 -22.54 -28.63
C HIS A 194 2.66 -22.08 -28.98
N SER A 195 1.66 -22.88 -28.61
CA SER A 195 0.29 -22.52 -28.96
C SER A 195 -0.71 -22.46 -27.81
N SER A 196 -0.62 -23.41 -26.88
CA SER A 196 -1.54 -23.45 -25.76
C SER A 196 -0.99 -22.78 -24.50
N TYR A 197 -1.74 -21.84 -23.94
CA TYR A 197 -1.31 -21.14 -22.73
C TYR A 197 -2.35 -21.36 -21.65
N THR A 198 -1.90 -21.81 -20.48
CA THR A 198 -2.82 -22.10 -19.41
C THR A 198 -2.55 -21.51 -18.03
N CYS A 199 -3.60 -20.93 -17.47
CA CYS A 199 -3.55 -20.36 -16.14
C CYS A 199 -4.38 -21.32 -15.29
N GLU A 200 -3.72 -21.99 -14.36
CA GLU A 200 -4.38 -22.96 -13.51
C GLU A 200 -4.34 -22.55 -12.04
N ALA A 201 -5.51 -22.46 -11.43
CA ALA A 201 -5.61 -22.06 -10.04
C ALA A 201 -6.13 -23.14 -9.10
N THR A 202 -5.49 -23.25 -7.94
CA THR A 202 -5.88 -24.20 -6.93
C THR A 202 -6.32 -23.44 -5.70
N HIS A 203 -7.60 -23.58 -5.36
CA HIS A 203 -8.19 -22.90 -4.24
C HIS A 203 -9.10 -23.86 -3.48
N LYS A 204 -9.29 -23.62 -2.20
CA LYS A 204 -10.13 -24.51 -1.41
C LYS A 204 -11.56 -24.66 -1.91
N THR A 205 -12.05 -23.72 -2.71
CA THR A 205 -13.43 -23.78 -3.19
C THR A 205 -13.67 -24.81 -4.28
N SER A 206 -12.63 -25.49 -4.73
CA SER A 206 -12.77 -26.47 -5.77
C SER A 206 -11.83 -27.65 -5.53
N THR A 207 -12.30 -28.84 -5.86
CA THR A 207 -11.46 -30.03 -5.69
C THR A 207 -10.52 -30.08 -6.88
N SER A 208 -11.04 -29.77 -8.07
CA SER A 208 -10.21 -29.76 -9.27
C SER A 208 -9.75 -28.31 -9.57
N PRO A 209 -8.58 -28.16 -10.19
CA PRO A 209 -8.02 -26.85 -10.54
C PRO A 209 -8.95 -26.00 -11.40
N ILE A 210 -8.94 -24.69 -11.19
CA ILE A 210 -9.75 -23.80 -12.03
C ILE A 210 -8.80 -23.59 -13.18
N THR A 211 -9.28 -23.84 -14.39
CA THR A 211 -8.41 -23.71 -15.55
C THR A 211 -8.93 -22.74 -16.60
N LYS A 212 -8.04 -21.88 -17.08
CA LYS A 212 -8.37 -20.94 -18.12
C LYS A 212 -7.21 -20.98 -19.10
N SER A 213 -7.52 -21.10 -20.39
CA SER A 213 -6.48 -21.13 -21.40
C SER A 213 -6.99 -20.63 -22.74
N PHE A 214 -6.05 -20.46 -23.67
CA PHE A 214 -6.36 -20.02 -25.01
C PHE A 214 -5.22 -20.56 -25.87
N ASN A 215 -5.37 -20.45 -27.19
CA ASN A 215 -4.34 -20.93 -28.10
C ASN A 215 -3.90 -19.80 -29.01
N ARG A 216 -2.59 -19.56 -29.04
CA ARG A 216 -2.03 -18.50 -29.89
C ARG A 216 -2.59 -18.60 -31.29
N GLY A 217 -2.64 -19.81 -31.83
CA GLY A 217 -3.15 -20.01 -33.17
C GLY A 217 -4.63 -19.74 -33.35
N GLU A 218 -5.14 -18.67 -32.74
CA GLU A 218 -6.55 -18.31 -32.85
C GLU A 218 -6.80 -16.83 -32.61
N GLU B 1 -9.78 23.21 9.43
CA GLU B 1 -9.35 22.09 8.54
C GLU B 1 -7.86 21.78 8.70
N VAL B 2 -7.57 20.72 9.43
CA VAL B 2 -6.18 20.31 9.69
C VAL B 2 -5.55 19.43 8.62
N THR B 3 -4.37 19.83 8.16
CA THR B 3 -3.64 19.05 7.17
C THR B 3 -2.15 19.33 7.21
N LEU B 4 -1.39 18.29 6.90
CA LEU B 4 0.05 18.32 6.84
C LEU B 4 0.29 17.80 5.42
N GLN B 5 1.18 18.43 4.69
CA GLN B 5 1.44 18.02 3.33
C GLN B 5 2.94 17.92 3.07
N GLU B 6 3.41 16.73 2.72
CA GLU B 6 4.84 16.56 2.43
C GLU B 6 5.08 16.78 0.95
N SER B 7 6.34 17.02 0.61
CA SER B 7 6.74 17.20 -0.76
C SER B 7 8.27 17.06 -0.82
N GLY B 8 8.79 16.77 -2.01
CA GLY B 8 10.23 16.67 -2.18
C GLY B 8 10.80 15.26 -2.34
N GLY B 9 9.96 14.24 -2.27
CA GLY B 9 10.45 12.88 -2.41
C GLY B 9 10.79 12.53 -3.84
N GLY B 10 11.05 11.25 -4.08
CA GLY B 10 11.37 10.81 -5.43
C GLY B 10 12.62 9.95 -5.47
N LEU B 11 13.17 9.78 -6.67
CA LEU B 11 14.36 8.98 -6.87
C LEU B 11 15.59 9.81 -6.53
N VAL B 12 16.50 9.23 -5.75
CA VAL B 12 17.72 9.93 -5.39
C VAL B 12 18.89 8.94 -5.45
N GLN B 13 20.04 9.45 -5.87
CA GLN B 13 21.28 8.69 -6.02
C GLN B 13 21.89 8.31 -4.67
N PRO B 14 22.37 7.06 -4.51
CA PRO B 14 22.98 6.65 -3.24
C PRO B 14 24.13 7.62 -2.93
N GLY B 15 24.26 8.03 -1.67
CA GLY B 15 25.31 8.97 -1.33
C GLY B 15 24.89 10.39 -1.68
N GLY B 16 23.73 10.53 -2.33
CA GLY B 16 23.25 11.85 -2.68
C GLY B 16 22.54 12.52 -1.51
N SER B 17 21.90 13.65 -1.78
CA SER B 17 21.20 14.34 -0.71
C SER B 17 19.83 14.78 -1.19
N MET B 18 18.92 14.96 -0.24
CA MET B 18 17.54 15.34 -0.54
C MET B 18 16.90 16.06 0.63
N LYS B 19 16.03 17.01 0.33
CA LYS B 19 15.34 17.76 1.36
C LYS B 19 13.83 17.57 1.25
N LEU B 20 13.20 17.13 2.35
CA LEU B 20 11.75 16.96 2.34
C LEU B 20 11.12 18.16 3.06
N SER B 21 9.95 18.57 2.60
CA SER B 21 9.23 19.67 3.22
C SER B 21 7.87 19.17 3.71
N CYS B 22 7.37 19.83 4.75
N CYS B 22 7.34 19.83 4.73
CA CYS B 22 6.08 19.53 5.33
CA CYS B 22 6.04 19.49 5.29
C CYS B 22 5.40 20.87 5.60
C CYS B 22 5.37 20.83 5.62
N ALA B 23 4.26 21.12 4.96
CA ALA B 23 3.54 22.37 5.16
C ALA B 23 2.29 22.12 5.99
N ALA B 24 2.12 22.88 7.05
CA ALA B 24 0.97 22.69 7.94
C ALA B 24 -0.10 23.75 7.79
N SER B 25 -1.29 23.45 8.31
CA SER B 25 -2.40 24.38 8.31
C SER B 25 -3.57 23.79 9.08
N GLY B 26 -4.42 24.64 9.63
CA GLY B 26 -5.57 24.14 10.36
C GLY B 26 -5.35 24.00 11.84
N PHE B 27 -4.14 24.28 12.33
CA PHE B 27 -3.89 24.19 13.75
C PHE B 27 -2.74 25.10 14.15
N THR B 28 -2.57 25.32 15.45
CA THR B 28 -1.51 26.18 15.95
C THR B 28 -0.15 25.53 15.76
N PHE B 29 0.42 25.67 14.56
CA PHE B 29 1.70 25.06 14.26
C PHE B 29 2.82 25.47 15.22
N SER B 30 2.88 26.76 15.59
CA SER B 30 3.94 27.25 16.46
C SER B 30 4.00 26.61 17.86
N ASP B 31 2.91 26.04 18.33
CA ASP B 31 2.90 25.37 19.64
C ASP B 31 3.28 23.91 19.53
N ALA B 32 3.08 23.35 18.34
CA ALA B 32 3.33 21.92 18.09
C ALA B 32 4.77 21.45 17.99
N TRP B 33 4.98 20.17 18.31
CA TRP B 33 6.27 19.53 18.18
C TRP B 33 6.04 18.74 16.90
N VAL B 34 6.99 18.76 15.98
CA VAL B 34 6.83 18.06 14.70
C VAL B 34 7.83 16.92 14.50
N ASP B 35 7.32 15.80 14.00
CA ASP B 35 8.14 14.62 13.80
C ASP B 35 8.07 14.04 12.39
N TRP B 36 9.08 13.24 12.06
CA TRP B 36 9.10 12.52 10.78
C TRP B 36 9.14 11.04 11.18
N VAL B 37 8.33 10.24 10.50
CA VAL B 37 8.29 8.82 10.73
C VAL B 37 8.37 8.20 9.33
N ARG B 38 9.10 7.10 9.18
CA ARG B 38 9.17 6.48 7.88
C ARG B 38 8.70 5.04 7.98
N GLN B 39 8.35 4.49 6.82
CA GLN B 39 7.87 3.14 6.75
C GLN B 39 8.56 2.39 5.63
N SER B 40 8.99 1.17 5.93
CA SER B 40 9.66 0.34 4.93
C SER B 40 9.38 -1.12 5.24
N PRO B 41 9.44 -1.98 4.21
CA PRO B 41 9.20 -3.41 4.41
C PRO B 41 10.27 -3.93 5.36
N GLY B 42 9.86 -4.75 6.34
CA GLY B 42 10.83 -5.26 7.28
C GLY B 42 10.83 -4.52 8.61
N LYS B 43 11.09 -3.21 8.57
CA LYS B 43 11.10 -2.42 9.79
C LYS B 43 9.72 -1.89 10.19
N GLY B 44 8.80 -1.81 9.22
CA GLY B 44 7.48 -1.30 9.52
C GLY B 44 7.60 0.19 9.78
N LEU B 45 6.94 0.68 10.83
CA LEU B 45 7.02 2.09 11.17
C LEU B 45 8.24 2.38 12.03
N GLU B 46 8.98 3.43 11.66
CA GLU B 46 10.18 3.81 12.37
C GLU B 46 10.27 5.33 12.60
N TRP B 47 10.39 5.73 13.86
CA TRP B 47 10.51 7.14 14.19
C TRP B 47 11.89 7.62 13.70
N VAL B 48 11.92 8.81 13.10
CA VAL B 48 13.14 9.36 12.53
C VAL B 48 13.75 10.57 13.23
N ALA B 49 12.94 11.60 13.44
CA ALA B 49 13.42 12.82 14.06
C ALA B 49 12.29 13.71 14.57
N GLU B 50 12.67 14.65 15.41
CA GLU B 50 11.73 15.59 15.99
C GLU B 50 12.36 16.94 16.26
N ILE B 51 11.54 17.98 16.12
CA ILE B 51 11.98 19.33 16.46
C ILE B 51 10.87 19.92 17.34
N ARG B 52 11.27 20.46 18.48
CA ARG B 52 10.30 21.04 19.41
C ARG B 52 9.93 22.45 19.02
N ASN B 53 9.06 23.07 19.81
CA ASN B 53 8.66 24.43 19.50
C ASN B 53 9.66 25.41 20.09
N LYS B 54 9.44 26.69 19.78
CA LYS B 54 10.32 27.74 20.25
C LYS B 54 10.43 27.82 21.78
N ALA B 55 9.32 27.66 22.49
CA ALA B 55 9.35 27.74 23.94
C ALA B 55 10.28 26.67 24.49
N ASN B 56 10.41 25.57 23.76
CA ASN B 56 11.27 24.47 24.17
C ASN B 56 12.61 24.49 23.46
N ASN B 57 13.02 25.70 23.09
CA ASN B 57 14.30 25.96 22.46
C ASN B 57 14.54 25.28 21.11
N HIS B 58 13.47 24.98 20.39
CA HIS B 58 13.63 24.34 19.07
C HIS B 58 14.57 23.13 19.11
N ALA B 59 14.63 22.44 20.24
CA ALA B 59 15.50 21.27 20.37
C ALA B 59 15.15 20.16 19.40
N THR B 60 16.17 19.48 18.89
CA THR B 60 16.00 18.40 17.96
C THR B 60 16.45 17.07 18.55
N LYS B 61 15.84 15.98 18.11
CA LYS B 61 16.21 14.65 18.57
C LYS B 61 16.20 13.77 17.30
N TYR B 62 17.14 12.84 17.19
CA TYR B 62 17.21 11.98 16.03
C TYR B 62 17.38 10.53 16.43
N THR B 63 16.97 9.62 15.56
CA THR B 63 17.17 8.21 15.82
C THR B 63 18.63 7.94 15.42
N GLU B 64 19.27 7.03 16.14
CA GLU B 64 20.67 6.69 15.92
C GLU B 64 21.12 6.53 14.45
N SER B 65 20.44 5.70 13.67
CA SER B 65 20.86 5.48 12.30
C SER B 65 20.86 6.69 11.36
N VAL B 66 20.35 7.84 11.80
CA VAL B 66 20.38 9.01 10.92
C VAL B 66 21.13 10.19 11.52
N LYS B 67 21.53 10.08 12.79
CA LYS B 67 22.29 11.15 13.44
C LYS B 67 23.49 11.48 12.58
N GLY B 68 23.72 12.77 12.37
CA GLY B 68 24.86 13.17 11.56
C GLY B 68 24.59 13.25 10.07
N ARG B 69 23.60 12.52 9.58
CA ARG B 69 23.26 12.54 8.16
C ARG B 69 22.02 13.35 7.87
N PHE B 70 21.04 13.28 8.77
CA PHE B 70 19.79 14.01 8.61
C PHE B 70 19.76 15.23 9.52
N THR B 71 19.12 16.29 9.06
CA THR B 71 18.97 17.51 9.84
C THR B 71 17.52 17.96 9.74
N ILE B 72 16.88 18.14 10.89
CA ILE B 72 15.50 18.60 10.89
C ILE B 72 15.49 20.07 11.30
N SER B 73 14.63 20.86 10.67
CA SER B 73 14.53 22.27 10.98
C SER B 73 13.09 22.71 10.74
N ARG B 74 12.73 23.89 11.20
CA ARG B 74 11.39 24.41 11.01
C ARG B 74 11.40 25.92 10.76
N ASP B 75 10.37 26.40 10.11
CA ASP B 75 10.21 27.82 9.83
C ASP B 75 8.79 28.16 10.26
N ASP B 76 8.63 28.71 11.45
CA ASP B 76 7.29 29.02 11.92
C ASP B 76 6.60 30.11 11.12
N SER B 77 7.37 31.00 10.51
CA SER B 77 6.74 32.06 9.73
C SER B 77 6.06 31.44 8.51
N LYS B 78 6.46 30.22 8.14
CA LYS B 78 5.85 29.55 6.98
C LYS B 78 5.09 28.28 7.39
N SER B 79 5.00 28.03 8.70
CA SER B 79 4.29 26.84 9.18
C SER B 79 4.80 25.60 8.48
N SER B 80 6.13 25.51 8.36
CA SER B 80 6.75 24.38 7.69
C SER B 80 7.87 23.78 8.49
N VAL B 81 8.17 22.52 8.19
CA VAL B 81 9.25 21.78 8.82
C VAL B 81 9.99 21.08 7.67
N TYR B 82 11.30 20.96 7.79
CA TYR B 82 12.08 20.33 6.73
C TYR B 82 12.91 19.18 7.26
N LEU B 83 13.22 18.25 6.37
CA LEU B 83 14.08 17.14 6.72
C LEU B 83 15.13 17.09 5.63
N GLN B 84 16.34 17.49 5.99
CA GLN B 84 17.47 17.49 5.08
C GLN B 84 18.19 16.15 5.26
N MET B 85 18.25 15.37 4.19
CA MET B 85 18.91 14.06 4.25
C MET B 85 20.14 14.04 3.34
N ASN B 86 21.27 13.66 3.93
CA ASN B 86 22.55 13.59 3.22
C ASN B 86 23.11 12.19 3.32
N SER B 87 24.05 11.88 2.43
CA SER B 87 24.68 10.57 2.40
C SER B 87 23.63 9.45 2.43
N LEU B 88 22.64 9.57 1.56
CA LEU B 88 21.55 8.60 1.52
C LEU B 88 22.02 7.21 1.15
N ARG B 89 21.51 6.23 1.89
CA ARG B 89 21.83 4.82 1.69
C ARG B 89 20.56 4.11 1.22
N ALA B 90 20.72 2.88 0.74
CA ALA B 90 19.59 2.12 0.27
C ALA B 90 18.58 1.89 1.40
N GLU B 91 19.09 1.80 2.62
CA GLU B 91 18.23 1.56 3.76
C GLU B 91 17.35 2.75 4.12
N ASP B 92 17.58 3.91 3.48
CA ASP B 92 16.75 5.07 3.77
C ASP B 92 15.52 5.08 2.88
N THR B 93 15.46 4.09 1.98
CA THR B 93 14.33 3.98 1.08
C THR B 93 13.04 3.69 1.85
N GLY B 94 11.97 4.39 1.50
CA GLY B 94 10.69 4.18 2.16
C GLY B 94 9.75 5.36 2.04
N ILE B 95 8.60 5.26 2.70
CA ILE B 95 7.61 6.33 2.72
C ILE B 95 7.89 7.18 3.96
N TYR B 96 8.04 8.49 3.76
CA TYR B 96 8.27 9.40 4.88
C TYR B 96 7.01 10.20 5.12
N TYR B 97 6.58 10.20 6.38
CA TYR B 97 5.39 10.92 6.79
C TYR B 97 5.76 11.96 7.83
N CYS B 98 5.08 13.09 7.73
N CYS B 98 5.18 13.14 7.74
CA CYS B 98 5.23 14.20 8.65
CA CYS B 98 5.43 14.11 8.79
C CYS B 98 4.06 14.06 9.62
C CYS B 98 4.15 14.04 9.62
N THR B 99 4.31 14.18 10.92
CA THR B 99 3.22 14.09 11.85
C THR B 99 3.54 15.05 12.99
N SER B 100 2.52 15.47 13.73
CA SER B 100 2.74 16.41 14.81
C SER B 100 1.99 16.08 16.08
N VAL B 101 2.53 16.58 17.18
CA VAL B 101 1.94 16.46 18.48
C VAL B 101 1.47 17.90 18.66
N PRO B 102 0.18 18.17 18.40
CA PRO B 102 -0.38 19.53 18.53
C PRO B 102 -0.37 20.11 19.92
N GLN B 103 -0.51 19.26 20.92
CA GLN B 103 -0.51 19.73 22.30
C GLN B 103 -0.08 18.59 23.23
N LEU B 104 0.34 18.94 24.43
CA LEU B 104 0.80 17.96 25.41
C LEU B 104 -0.15 16.76 25.58
N GLY B 105 0.43 15.57 25.55
CA GLY B 105 -0.32 14.34 25.74
C GLY B 105 -1.22 13.89 24.60
N ARG B 106 -1.19 14.61 23.48
CA ARG B 106 -2.02 14.30 22.32
C ARG B 106 -1.57 13.16 21.40
N GLY B 107 -0.29 12.78 21.47
CA GLY B 107 0.23 11.76 20.60
C GLY B 107 0.37 12.33 19.20
N PHE B 108 0.71 11.49 18.22
CA PHE B 108 0.86 11.95 16.85
C PHE B 108 -0.56 12.06 16.29
N ALA B 109 -1.21 13.18 16.58
CA ALA B 109 -2.59 13.43 16.18
C ALA B 109 -2.85 13.63 14.71
N TYR B 110 -1.92 14.27 14.01
CA TYR B 110 -2.09 14.54 12.58
C TYR B 110 -0.96 13.96 11.75
N TRP B 111 -1.32 13.41 10.59
CA TRP B 111 -0.32 12.82 9.71
C TRP B 111 -0.50 13.34 8.28
N GLY B 112 0.60 13.38 7.54
CA GLY B 112 0.54 13.80 6.15
C GLY B 112 0.24 12.57 5.32
N GLN B 113 0.17 12.71 4.00
CA GLN B 113 -0.13 11.57 3.13
C GLN B 113 1.09 10.68 2.89
N GLY B 114 2.28 11.25 3.14
CA GLY B 114 3.49 10.49 2.94
C GLY B 114 4.10 10.75 1.56
N THR B 115 5.42 10.65 1.48
CA THR B 115 6.11 10.84 0.22
C THR B 115 7.15 9.73 0.12
N LEU B 116 7.25 9.14 -1.07
CA LEU B 116 8.16 8.04 -1.30
C LEU B 116 9.58 8.43 -1.69
N VAL B 117 10.55 7.97 -0.90
CA VAL B 117 11.95 8.21 -1.20
C VAL B 117 12.57 6.89 -1.66
N THR B 118 13.12 6.89 -2.86
CA THR B 118 13.76 5.70 -3.42
C THR B 118 15.23 5.98 -3.64
N VAL B 119 16.11 5.27 -2.95
CA VAL B 119 17.55 5.50 -3.11
C VAL B 119 18.06 4.39 -4.02
N SER B 120 18.45 4.77 -5.23
CA SER B 120 18.91 3.81 -6.22
C SER B 120 19.69 4.52 -7.33
N ALA B 121 20.65 3.84 -7.92
CA ALA B 121 21.44 4.44 -8.99
C ALA B 121 20.75 4.23 -10.34
N ALA B 122 19.64 3.51 -10.37
CA ALA B 122 18.90 3.31 -11.61
C ALA B 122 18.29 4.64 -12.06
N SER B 123 17.94 4.76 -13.34
CA SER B 123 17.37 6.01 -13.84
C SER B 123 15.87 5.99 -14.13
N THR B 124 15.27 7.19 -14.14
CA THR B 124 13.84 7.33 -14.41
C THR B 124 13.46 6.86 -15.81
N THR B 125 12.45 6.01 -15.91
CA THR B 125 12.01 5.50 -17.20
C THR B 125 10.49 5.50 -17.30
N PRO B 126 9.95 5.98 -18.43
CA PRO B 126 8.49 6.00 -18.55
C PRO B 126 7.90 4.62 -18.85
N PRO B 127 6.62 4.42 -18.57
CA PRO B 127 5.95 3.15 -18.80
C PRO B 127 5.35 3.00 -20.19
N SER B 128 5.04 1.76 -20.54
CA SER B 128 4.38 1.43 -21.79
C SER B 128 3.05 0.92 -21.25
N VAL B 129 1.94 1.24 -21.91
CA VAL B 129 0.62 0.84 -21.43
C VAL B 129 -0.12 0.01 -22.48
N TYR B 130 -0.49 -1.21 -22.11
CA TYR B 130 -1.16 -2.12 -23.02
C TYR B 130 -2.55 -2.48 -22.54
N PRO B 131 -3.55 -2.31 -23.40
CA PRO B 131 -4.94 -2.63 -23.01
C PRO B 131 -5.12 -4.14 -23.05
N LEU B 132 -5.96 -4.66 -22.18
CA LEU B 132 -6.21 -6.09 -22.14
C LEU B 132 -7.68 -6.38 -22.32
N ALA B 133 -8.05 -6.89 -23.48
CA ALA B 133 -9.43 -7.21 -23.77
C ALA B 133 -9.64 -8.71 -23.82
N PRO B 134 -10.85 -9.18 -23.48
CA PRO B 134 -11.19 -10.60 -23.49
C PRO B 134 -10.99 -11.24 -24.86
N GLY B 135 -10.70 -12.54 -24.88
CA GLY B 135 -10.53 -13.23 -26.14
C GLY B 135 -11.88 -13.58 -26.73
N SER B 136 -12.62 -14.43 -26.02
CA SER B 136 -13.95 -14.89 -26.46
C SER B 136 -15.03 -13.80 -26.41
N GLY B 137 -16.29 -14.24 -26.50
CA GLY B 137 -17.42 -13.32 -26.46
C GLY B 137 -18.11 -13.34 -25.11
N GLY B 138 -18.57 -12.16 -24.66
CA GLY B 138 -19.24 -12.05 -23.40
C GLY B 138 -20.62 -12.71 -23.41
N ALA B 139 -21.02 -13.23 -22.26
CA ALA B 139 -22.32 -13.89 -22.13
C ALA B 139 -22.29 -15.28 -22.78
N GLY B 143 -20.74 -14.42 -18.20
CA GLY B 143 -21.47 -13.72 -19.24
C GLY B 143 -22.07 -12.39 -18.81
N SER B 144 -22.60 -12.35 -17.60
CA SER B 144 -23.22 -11.14 -17.07
C SER B 144 -22.25 -9.97 -16.86
N MET B 145 -21.04 -10.29 -16.41
CA MET B 145 -20.02 -9.30 -16.16
C MET B 145 -18.82 -9.59 -17.04
N VAL B 146 -18.07 -8.57 -17.39
CA VAL B 146 -16.90 -8.77 -18.21
C VAL B 146 -15.71 -8.09 -17.52
N THR B 147 -14.56 -8.75 -17.56
CA THR B 147 -13.38 -8.19 -16.95
C THR B 147 -12.38 -7.73 -18.02
N LEU B 148 -11.94 -6.49 -17.88
CA LEU B 148 -10.97 -5.87 -18.77
C LEU B 148 -9.73 -5.56 -17.94
N GLY B 149 -8.64 -5.26 -18.60
CA GLY B 149 -7.44 -4.95 -17.87
C GLY B 149 -6.50 -3.99 -18.55
N CYS B 150 -5.51 -3.56 -17.78
N CYS B 150 -5.51 -3.56 -17.80
CA CYS B 150 -4.53 -2.61 -18.24
CA CYS B 150 -4.52 -2.65 -18.33
C CYS B 150 -3.15 -3.05 -17.74
C CYS B 150 -3.16 -3.05 -17.76
N LEU B 151 -2.21 -3.26 -18.66
CA LEU B 151 -0.86 -3.66 -18.29
C LEU B 151 0.05 -2.45 -18.41
N VAL B 152 0.79 -2.16 -17.34
CA VAL B 152 1.68 -1.01 -17.27
C VAL B 152 3.10 -1.52 -17.00
N LYS B 153 3.99 -1.47 -17.98
CA LYS B 153 5.32 -1.99 -17.71
C LYS B 153 6.50 -1.19 -18.20
N GLY B 154 7.66 -1.51 -17.62
CA GLY B 154 8.89 -0.85 -17.99
C GLY B 154 9.21 0.48 -17.33
N TYR B 155 8.47 0.87 -16.30
CA TYR B 155 8.76 2.16 -15.68
C TYR B 155 9.62 2.09 -14.42
N PHE B 156 10.14 3.25 -14.02
CA PHE B 156 10.96 3.39 -12.82
C PHE B 156 11.09 4.88 -12.54
N PRO B 157 10.91 5.30 -11.28
CA PRO B 157 10.60 4.50 -10.10
C PRO B 157 9.08 4.48 -9.91
N GLU B 158 8.66 4.00 -8.76
CA GLU B 158 7.26 3.99 -8.39
C GLU B 158 7.01 5.44 -7.95
N PRO B 159 5.74 5.87 -7.90
CA PRO B 159 4.49 5.17 -8.21
C PRO B 159 3.89 5.60 -9.56
N VAL B 160 2.89 4.87 -10.02
CA VAL B 160 2.16 5.29 -11.23
C VAL B 160 0.74 5.30 -10.69
N THR B 161 -0.11 6.16 -11.23
CA THR B 161 -1.49 6.16 -10.78
C THR B 161 -2.31 5.67 -11.97
N VAL B 162 -3.28 4.81 -11.69
CA VAL B 162 -4.13 4.28 -12.73
C VAL B 162 -5.57 4.55 -12.36
N THR B 163 -6.36 5.02 -13.32
CA THR B 163 -7.78 5.28 -13.10
C THR B 163 -8.49 4.76 -14.34
N TRP B 164 -9.79 4.55 -14.23
CA TRP B 164 -10.56 4.06 -15.35
C TRP B 164 -11.60 5.10 -15.71
N ASN B 165 -11.64 5.48 -16.98
CA ASN B 165 -12.56 6.52 -17.45
C ASN B 165 -12.39 7.75 -16.56
N SER B 166 -11.14 8.16 -16.39
CA SER B 166 -10.81 9.34 -15.58
C SER B 166 -11.43 9.35 -14.19
N GLY B 167 -11.58 8.18 -13.57
CA GLY B 167 -12.17 8.13 -12.25
C GLY B 167 -13.63 7.75 -12.21
N ALA B 168 -14.34 7.88 -13.33
CA ALA B 168 -15.77 7.54 -13.35
C ALA B 168 -16.03 6.08 -12.97
N LEU B 169 -15.14 5.17 -13.37
CA LEU B 169 -15.29 3.77 -13.01
C LEU B 169 -14.38 3.49 -11.84
N SER B 170 -14.96 3.21 -10.67
CA SER B 170 -14.16 2.94 -9.49
C SER B 170 -14.57 1.66 -8.74
N SER B 171 -15.84 1.32 -8.77
CA SER B 171 -16.34 0.15 -8.07
C SER B 171 -15.66 -1.19 -8.29
N GLY B 172 -15.72 -1.74 -9.50
CA GLY B 172 -15.13 -3.05 -9.72
C GLY B 172 -13.67 -3.04 -10.14
N VAL B 173 -12.90 -2.12 -9.59
CA VAL B 173 -11.50 -1.99 -9.96
C VAL B 173 -10.51 -2.62 -8.96
N HIS B 174 -9.49 -3.28 -9.49
CA HIS B 174 -8.42 -3.85 -8.66
C HIS B 174 -7.11 -3.42 -9.31
N THR B 175 -6.33 -2.61 -8.59
CA THR B 175 -5.04 -2.18 -9.11
C THR B 175 -4.05 -2.91 -8.20
N PHE B 176 -3.28 -3.82 -8.79
CA PHE B 176 -2.33 -4.62 -8.04
C PHE B 176 -0.98 -3.94 -7.81
N PRO B 177 -0.30 -4.33 -6.72
CA PRO B 177 1.02 -3.78 -6.38
C PRO B 177 1.98 -4.06 -7.54
N ALA B 178 2.86 -3.13 -7.86
CA ALA B 178 3.83 -3.34 -8.94
C ALA B 178 4.83 -4.46 -8.57
N VAL B 179 5.40 -5.10 -9.59
CA VAL B 179 6.39 -6.16 -9.39
C VAL B 179 7.64 -5.71 -10.12
N LEU B 180 8.79 -5.94 -9.51
CA LEU B 180 10.04 -5.53 -10.12
C LEU B 180 10.95 -6.66 -10.54
N GLN B 181 11.54 -6.54 -11.73
CA GLN B 181 12.51 -7.50 -12.23
C GLN B 181 13.34 -6.84 -13.33
N SER B 182 14.01 -7.62 -14.17
CA SER B 182 14.88 -7.03 -15.19
C SER B 182 14.24 -6.05 -16.17
N ASP B 183 12.92 -6.13 -16.36
CA ASP B 183 12.27 -5.19 -17.25
C ASP B 183 11.72 -4.03 -16.47
N LEU B 184 12.22 -3.86 -15.25
CA LEU B 184 11.82 -2.80 -14.32
C LEU B 184 10.44 -3.11 -13.73
N TYR B 185 9.62 -2.10 -13.42
CA TYR B 185 8.29 -2.37 -12.81
C TYR B 185 7.20 -2.76 -13.80
N THR B 186 6.38 -3.70 -13.38
CA THR B 186 5.24 -4.17 -14.14
C THR B 186 4.06 -4.15 -13.19
N LEU B 187 3.01 -3.44 -13.57
CA LEU B 187 1.82 -3.32 -12.75
C LEU B 187 0.60 -3.60 -13.63
N SER B 188 -0.39 -4.24 -13.06
CA SER B 188 -1.60 -4.51 -13.81
C SER B 188 -2.78 -3.99 -13.00
N SER B 189 -3.85 -3.68 -13.71
CA SER B 189 -5.08 -3.19 -13.12
C SER B 189 -6.23 -3.85 -13.87
N SER B 190 -7.27 -4.27 -13.16
CA SER B 190 -8.39 -4.86 -13.85
C SER B 190 -9.64 -4.10 -13.45
N VAL B 191 -10.68 -4.18 -14.27
CA VAL B 191 -11.94 -3.55 -13.97
C VAL B 191 -13.01 -4.50 -14.47
N THR B 192 -14.03 -4.69 -13.65
CA THR B 192 -15.10 -5.59 -14.01
C THR B 192 -16.35 -4.75 -14.21
N VAL B 193 -16.96 -4.84 -15.39
CA VAL B 193 -18.15 -4.08 -15.67
C VAL B 193 -19.24 -4.95 -16.29
N PRO B 194 -20.50 -4.49 -16.26
CA PRO B 194 -21.60 -5.27 -16.84
C PRO B 194 -21.31 -5.46 -18.33
N SER B 195 -21.77 -6.57 -18.91
CA SER B 195 -21.57 -6.80 -20.33
C SER B 195 -22.43 -5.83 -21.15
N SER B 196 -23.33 -5.12 -20.47
CA SER B 196 -24.18 -4.16 -21.14
C SER B 196 -23.48 -2.79 -21.16
N THR B 197 -22.31 -2.72 -20.53
CA THR B 197 -21.53 -1.48 -20.52
C THR B 197 -20.45 -1.53 -21.58
N TRP B 198 -19.72 -2.64 -21.63
CA TRP B 198 -18.65 -2.81 -22.61
C TRP B 198 -19.03 -3.99 -23.51
N PRO B 199 -18.74 -3.90 -24.83
CA PRO B 199 -18.09 -2.80 -25.54
C PRO B 199 -18.96 -1.67 -26.07
N SER B 200 -20.25 -1.66 -25.74
CA SER B 200 -21.09 -0.57 -26.22
C SER B 200 -20.48 0.77 -25.83
N GLN B 201 -20.12 0.91 -24.56
CA GLN B 201 -19.54 2.15 -24.09
C GLN B 201 -18.03 2.09 -24.06
N THR B 202 -17.42 3.26 -24.14
CA THR B 202 -15.97 3.39 -24.15
C THR B 202 -15.37 3.17 -22.76
N VAL B 203 -14.40 2.27 -22.68
CA VAL B 203 -13.73 2.05 -21.41
C VAL B 203 -12.27 2.39 -21.68
N THR B 204 -11.76 3.31 -20.89
CA THR B 204 -10.40 3.78 -21.04
C THR B 204 -9.56 3.68 -19.79
N CYS B 205 -8.30 3.31 -19.98
N CYS B 205 -8.31 3.34 -19.99
CA CYS B 205 -7.34 3.20 -18.89
CA CYS B 205 -7.33 3.20 -18.93
C CYS B 205 -6.50 4.46 -18.92
C CYS B 205 -6.44 4.44 -18.92
N ASN B 206 -6.40 5.15 -17.80
CA ASN B 206 -5.58 6.37 -17.69
C ASN B 206 -4.39 6.16 -16.77
N VAL B 207 -3.20 6.32 -17.32
CA VAL B 207 -1.98 6.11 -16.56
C VAL B 207 -1.14 7.37 -16.47
N ALA B 208 -0.68 7.69 -15.27
CA ALA B 208 0.18 8.84 -15.08
C ALA B 208 1.40 8.36 -14.30
N HIS B 209 2.57 8.80 -14.74
CA HIS B 209 3.84 8.46 -14.09
C HIS B 209 4.47 9.81 -13.77
N PRO B 210 4.24 10.32 -12.56
CA PRO B 210 4.79 11.62 -12.12
C PRO B 210 6.28 11.81 -12.37
N ALA B 211 7.07 10.80 -12.01
CA ALA B 211 8.51 10.90 -12.16
C ALA B 211 8.98 11.28 -13.56
N SER B 212 8.31 10.78 -14.60
CA SER B 212 8.72 11.10 -15.96
C SER B 212 7.76 12.06 -16.65
N SER B 213 6.74 12.50 -15.92
CA SER B 213 5.73 13.39 -16.46
C SER B 213 5.01 12.74 -17.64
N THR B 214 4.93 11.41 -17.63
CA THR B 214 4.26 10.69 -18.69
C THR B 214 2.78 10.52 -18.35
N GLN B 215 1.94 10.66 -19.36
CA GLN B 215 0.51 10.49 -19.25
C GLN B 215 0.06 9.74 -20.48
N VAL B 216 -0.70 8.67 -20.27
CA VAL B 216 -1.21 7.85 -21.37
C VAL B 216 -2.65 7.40 -21.14
N ASP B 217 -3.47 7.52 -22.19
CA ASP B 217 -4.87 7.08 -22.14
C ASP B 217 -4.99 6.06 -23.26
N LYS B 218 -5.30 4.82 -22.90
CA LYS B 218 -5.47 3.73 -23.86
C LYS B 218 -6.89 3.17 -23.74
N LYS B 219 -7.58 3.08 -24.87
CA LYS B 219 -8.94 2.55 -24.89
C LYS B 219 -8.91 1.04 -25.00
N ILE B 220 -9.87 0.38 -24.33
CA ILE B 220 -9.92 -1.08 -24.41
C ILE B 220 -10.87 -1.43 -25.55
N VAL B 221 -10.31 -2.00 -26.62
CA VAL B 221 -11.10 -2.38 -27.78
C VAL B 221 -11.19 -3.90 -27.92
N PRO B 222 -12.36 -4.41 -28.35
CA PRO B 222 -12.59 -5.84 -28.54
C PRO B 222 -11.61 -6.42 -29.54
N LYS B 223 -11.02 -7.56 -29.24
CA LYS B 223 -10.09 -8.17 -30.19
C LYS B 223 -10.80 -9.27 -30.98
C1 OBE C . 6.16 12.87 25.16
C2 OBE C . 5.40 14.21 24.70
C3 OBE C . 6.46 15.40 24.83
C4 OBE C . 7.16 15.42 26.19
C5 OBE C . 7.76 13.95 26.40
C6 OBE C . 8.58 13.40 25.19
C7 OBE C . 7.47 12.63 24.34
C8 OBE C . 5.19 16.98 23.36
C9 OBE C . 4.57 18.37 23.40
C10 OBE C . 3.81 18.85 22.30
C11 OBE C . 3.22 20.16 22.36
C12 OBE C . 3.39 20.97 23.53
C13 OBE C . 4.14 20.51 24.62
C14 OBE C . 4.74 19.20 24.58
C15 OBE C . 4.05 14.50 25.49
C16 OBE C . 6.91 11.79 27.32
N1 OBE C . 6.56 13.07 26.59
O1 OBE C . 5.84 16.69 24.51
O2 OBE C . 5.09 16.24 22.45
O3 OBE C . 3.00 14.72 24.99
O4 OBE C . 4.21 14.52 26.81
O5 OBE C . 2.53 20.54 21.27
#